data_6TLQ
#
_entry.id   6TLQ
#
_cell.length_a   108.861
_cell.length_b   108.861
_cell.length_c   98.636
_cell.angle_alpha   90.000
_cell.angle_beta   90.000
_cell.angle_gamma   120.000
#
_symmetry.space_group_name_H-M   'P 61 2 2'
#
loop_
_entity.id
_entity.type
_entity.pdbx_description
1 polymer 'Nuclear receptor ROR-gamma'
2 non-polymer CHOLESTEROL
3 non-polymer '4-[1-[2,6-bis(chloranyl)phenyl]carbonyl-5-methyl-thieno[3,2-c]pyrazol-3-yl]benzoic acid'
4 non-polymer GLYCEROL
5 water water
#
_entity_poly.entity_id   1
_entity_poly.type   'polypeptide(L)'
_entity_poly.pdbx_seq_one_letter_code
;GSSHHHHHHSSGLVPRGSHMASLTEIEHLVQSVCKSYRETCQLRLEDLLRQRSNIFSREEVTGYQRKSMWEMWERCAHHL
TEAIQYVVEFAKRLSGFMELCQNDQIVLLKAGAMEVVLVRMCRAYNADNRTVFFEGKYGGMELFRALGCSELISSIFDFS
HSLSALHFSEDEIALYTALVLINAHRPGLQEKRKVEQLQYNLELAFHHHLHKTHRQSILAKLPPKGKLRSLCSQHVERLQ
IFQHLHPIVVQAAFPPLYKELFS
;
_entity_poly.pdbx_strand_id   A
#
loop_
_chem_comp.id
_chem_comp.type
_chem_comp.name
_chem_comp.formula
CLR non-polymer CHOLESTEROL 'C27 H46 O'
GOL non-polymer GLYCEROL 'C3 H8 O3'
MJE non-polymer '4-[1-[2,6-bis(chloranyl)phenyl]carbonyl-5-methyl-thieno[3,2-c]pyrazol-3-yl]benzoic acid' 'C20 H12 Cl2 N2 O3 S'
#
# COMPACT_ATOMS: atom_id res chain seq x y z
N THR A 24 17.51 23.06 -3.08
CA THR A 24 18.44 22.04 -3.65
C THR A 24 18.36 20.78 -2.81
N GLU A 25 18.44 20.87 -1.48
CA GLU A 25 18.27 19.68 -0.62
C GLU A 25 16.87 19.11 -0.90
N ILE A 26 15.91 20.00 -1.14
CA ILE A 26 14.48 19.60 -1.36
C ILE A 26 14.36 18.91 -2.75
N GLU A 27 14.97 19.42 -3.80
CA GLU A 27 15.03 18.73 -5.12
C GLU A 27 15.71 17.36 -4.97
N HIS A 28 16.76 17.27 -4.14
CA HIS A 28 17.50 15.97 -3.92
C HIS A 28 16.55 15.02 -3.23
N LEU A 29 15.81 15.51 -2.27
CA LEU A 29 14.89 14.62 -1.51
C LEU A 29 13.80 14.11 -2.44
N VAL A 30 13.22 14.96 -3.31
CA VAL A 30 12.23 14.50 -4.32
C VAL A 30 12.85 13.38 -5.15
N GLN A 31 14.03 13.63 -5.67
CA GLN A 31 14.75 12.61 -6.49
C GLN A 31 14.92 11.30 -5.67
N SER A 32 15.34 11.38 -4.41
N SER A 32 15.34 11.35 -4.41
CA SER A 32 15.68 10.16 -3.60
CA SER A 32 15.67 10.10 -3.65
C SER A 32 14.41 9.35 -3.24
C SER A 32 14.40 9.32 -3.22
N VAL A 33 13.32 10.03 -2.94
CA VAL A 33 12.01 9.39 -2.61
C VAL A 33 11.50 8.70 -3.88
N CYS A 34 11.57 9.39 -5.04
CA CYS A 34 11.08 8.82 -6.32
C CYS A 34 11.96 7.60 -6.68
N LYS A 35 13.26 7.68 -6.45
CA LYS A 35 14.15 6.55 -6.77
C LYS A 35 13.83 5.33 -5.89
N SER A 36 13.53 5.58 -4.62
N SER A 36 13.53 5.58 -4.62
N SER A 36 13.54 5.56 -4.62
CA SER A 36 13.19 4.47 -3.69
CA SER A 36 13.19 4.47 -3.69
CA SER A 36 13.17 4.44 -3.69
C SER A 36 11.86 3.84 -4.13
C SER A 36 11.86 3.84 -4.13
C SER A 36 11.86 3.83 -4.17
N TYR A 37 10.96 4.68 -4.62
CA TYR A 37 9.64 4.20 -5.08
C TYR A 37 9.86 3.34 -6.34
N ARG A 38 10.66 3.87 -7.25
CA ARG A 38 10.90 3.17 -8.52
C ARG A 38 11.51 1.79 -8.28
N GLU A 39 12.42 1.68 -7.32
CA GLU A 39 13.12 0.41 -7.03
C GLU A 39 12.18 -0.55 -6.26
N THR A 40 11.06 -0.10 -5.72
CA THR A 40 10.23 -0.92 -4.79
C THR A 40 8.77 -0.95 -5.21
N CYS A 41 8.42 -0.35 -6.34
CA CYS A 41 7.00 -0.17 -6.70
C CYS A 41 6.35 -1.50 -7.02
N GLN A 42 7.16 -2.54 -7.19
CA GLN A 42 6.72 -3.94 -7.36
C GLN A 42 6.20 -4.23 -8.78
N LEU A 43 5.24 -3.48 -9.26
CA LEU A 43 4.64 -3.57 -10.61
C LEU A 43 4.91 -2.25 -11.35
N ARG A 44 5.34 -2.33 -12.61
CA ARG A 44 5.60 -1.10 -13.41
C ARG A 44 4.29 -0.55 -13.98
N LEU A 45 4.10 0.76 -13.88
CA LEU A 45 2.82 1.36 -14.34
C LEU A 45 2.60 1.06 -15.82
N GLU A 46 3.67 1.08 -16.62
CA GLU A 46 3.51 0.81 -18.07
C GLU A 46 2.94 -0.59 -18.25
N ASP A 47 3.45 -1.56 -17.50
CA ASP A 47 2.95 -2.95 -17.54
C ASP A 47 1.48 -2.98 -17.10
N LEU A 48 1.13 -2.34 -15.99
CA LEU A 48 -0.27 -2.35 -15.53
C LEU A 48 -1.21 -1.73 -16.56
N LEU A 49 -0.86 -0.59 -17.16
CA LEU A 49 -1.75 0.07 -18.16
C LEU A 49 -1.87 -0.80 -19.42
N ARG A 50 -0.78 -1.39 -19.89
CA ARG A 50 -0.78 -2.23 -21.12
C ARG A 50 -1.67 -3.45 -20.91
N GLN A 51 -1.69 -4.01 -19.70
CA GLN A 51 -2.43 -5.26 -19.43
C GLN A 51 -3.90 -5.04 -19.11
N ARG A 52 -4.41 -3.82 -19.24
CA ARG A 52 -5.83 -3.54 -18.94
C ARG A 52 -6.80 -4.37 -19.79
N SER A 53 -6.46 -4.72 -21.02
CA SER A 53 -7.34 -5.52 -21.89
C SER A 53 -7.20 -7.00 -21.56
N ASN A 54 -6.28 -7.36 -20.68
CA ASN A 54 -6.03 -8.78 -20.33
C ASN A 54 -6.84 -9.10 -19.06
N ILE A 55 -8.06 -9.58 -19.29
CA ILE A 55 -9.14 -9.70 -18.29
C ILE A 55 -9.43 -11.21 -18.13
N PHE A 56 -9.60 -11.68 -16.91
CA PHE A 56 -10.00 -13.08 -16.66
C PHE A 56 -11.33 -13.36 -17.39
N SER A 57 -11.39 -14.46 -18.14
CA SER A 57 -12.64 -15.01 -18.74
C SER A 57 -13.61 -15.44 -17.63
N ARG A 58 -14.89 -15.64 -17.96
CA ARG A 58 -15.94 -16.25 -17.10
C ARG A 58 -15.41 -17.60 -16.55
N GLU A 59 -14.78 -18.40 -17.40
CA GLU A 59 -14.22 -19.72 -17.01
C GLU A 59 -13.16 -19.52 -15.92
N GLU A 60 -12.26 -18.58 -16.13
CA GLU A 60 -11.18 -18.34 -15.15
C GLU A 60 -11.73 -17.79 -13.82
N VAL A 61 -12.71 -16.89 -13.89
CA VAL A 61 -13.37 -16.35 -12.67
C VAL A 61 -13.99 -17.52 -11.89
N THR A 62 -14.76 -18.39 -12.55
CA THR A 62 -15.42 -19.56 -11.89
C THR A 62 -14.34 -20.41 -11.24
N GLY A 63 -13.21 -20.61 -11.91
CA GLY A 63 -12.10 -21.40 -11.34
C GLY A 63 -11.65 -20.80 -10.01
N TYR A 64 -11.54 -19.47 -9.90
CA TYR A 64 -11.11 -18.82 -8.64
C TYR A 64 -12.21 -18.98 -7.58
N GLN A 65 -13.45 -18.81 -7.97
CA GLN A 65 -14.61 -18.87 -7.04
C GLN A 65 -14.75 -20.27 -6.47
N ARG A 66 -14.37 -21.30 -7.23
CA ARG A 66 -14.53 -22.71 -6.74
C ARG A 66 -13.39 -23.10 -5.82
N LYS A 67 -12.28 -22.37 -5.88
CA LYS A 67 -11.14 -22.65 -4.99
C LYS A 67 -11.63 -22.56 -3.55
N SER A 68 -11.01 -23.34 -2.69
CA SER A 68 -11.23 -23.25 -1.25
C SER A 68 -10.91 -21.84 -0.77
N MET A 69 -11.69 -21.41 0.25
N MET A 69 -11.66 -21.35 0.21
CA MET A 69 -11.46 -20.18 1.06
CA MET A 69 -11.33 -20.07 0.87
C MET A 69 -10.01 -20.17 1.53
C MET A 69 -9.91 -20.15 1.43
N TRP A 70 -9.49 -21.34 1.88
CA TRP A 70 -8.18 -21.49 2.53
C TRP A 70 -7.05 -21.43 1.51
N GLU A 71 -7.28 -21.85 0.29
CA GLU A 71 -6.27 -21.72 -0.77
C GLU A 71 -6.27 -20.26 -1.27
N MET A 72 -7.43 -19.61 -1.42
CA MET A 72 -7.48 -18.20 -1.84
C MET A 72 -6.80 -17.39 -0.75
N TRP A 73 -7.06 -17.75 0.52
CA TRP A 73 -6.42 -17.06 1.66
C TRP A 73 -4.90 -17.23 1.49
N GLU A 74 -4.38 -18.43 1.26
CA GLU A 74 -2.91 -18.65 1.19
C GLU A 74 -2.32 -17.78 0.07
N ARG A 75 -2.98 -17.74 -1.09
CA ARG A 75 -2.49 -16.96 -2.23
C ARG A 75 -2.50 -15.47 -1.85
N CYS A 76 -3.62 -14.94 -1.33
CA CYS A 76 -3.78 -13.50 -1.02
C CYS A 76 -2.85 -13.08 0.11
N ALA A 77 -2.73 -13.91 1.14
CA ALA A 77 -1.81 -13.63 2.26
C ALA A 77 -0.38 -13.54 1.74
N HIS A 78 0.02 -14.44 0.85
N HIS A 78 0.02 -14.45 0.85
CA HIS A 78 1.40 -14.41 0.32
CA HIS A 78 1.40 -14.42 0.30
C HIS A 78 1.60 -13.15 -0.55
C HIS A 78 1.60 -13.14 -0.52
N HIS A 79 0.61 -12.77 -1.34
CA HIS A 79 0.76 -11.56 -2.16
C HIS A 79 0.81 -10.33 -1.23
N LEU A 80 0.04 -10.34 -0.15
CA LEU A 80 -0.01 -9.15 0.72
C LEU A 80 1.27 -9.06 1.52
N THR A 81 1.83 -10.20 1.92
N THR A 81 1.88 -10.18 1.94
CA THR A 81 3.13 -10.24 2.61
CA THR A 81 3.15 -10.08 2.70
C THR A 81 4.18 -9.57 1.73
C THR A 81 4.27 -9.59 1.75
N GLU A 82 4.27 -10.02 0.50
CA GLU A 82 5.26 -9.47 -0.46
C GLU A 82 5.00 -7.97 -0.63
N ALA A 83 3.78 -7.55 -0.82
CA ALA A 83 3.46 -6.11 -0.97
C ALA A 83 3.98 -5.35 0.26
N ILE A 84 3.76 -5.87 1.47
CA ILE A 84 4.26 -5.23 2.72
C ILE A 84 5.78 -5.13 2.70
N GLN A 85 6.47 -6.19 2.27
CA GLN A 85 7.93 -6.25 2.30
C GLN A 85 8.51 -5.18 1.35
N TYR A 86 7.88 -4.97 0.17
CA TYR A 86 8.33 -3.88 -0.73
C TYR A 86 8.12 -2.51 -0.06
N VAL A 87 7.04 -2.29 0.70
CA VAL A 87 6.79 -0.99 1.40
C VAL A 87 7.85 -0.81 2.49
N VAL A 88 8.28 -1.88 3.12
CA VAL A 88 9.38 -1.79 4.11
C VAL A 88 10.69 -1.38 3.43
N GLU A 89 11.06 -2.02 2.31
CA GLU A 89 12.28 -1.62 1.59
C GLU A 89 12.12 -0.16 1.13
N PHE A 90 10.96 0.26 0.70
CA PHE A 90 10.69 1.68 0.36
C PHE A 90 11.08 2.60 1.53
N ALA A 91 10.54 2.33 2.72
CA ALA A 91 10.81 3.10 3.95
C ALA A 91 12.31 3.12 4.24
N LYS A 92 12.98 1.97 4.17
CA LYS A 92 14.41 1.81 4.51
C LYS A 92 15.29 2.67 3.60
N ARG A 93 14.79 3.02 2.42
CA ARG A 93 15.56 3.79 1.45
C ARG A 93 15.18 5.26 1.51
N LEU A 94 14.22 5.66 2.34
CA LEU A 94 13.87 7.09 2.53
C LEU A 94 14.98 7.73 3.36
N SER A 95 15.44 8.90 2.91
CA SER A 95 16.55 9.65 3.54
C SER A 95 16.20 9.88 5.02
N GLY A 96 17.01 9.41 5.94
CA GLY A 96 16.79 9.67 7.35
C GLY A 96 16.00 8.57 8.06
N PHE A 97 15.34 7.66 7.34
CA PHE A 97 14.52 6.63 8.02
C PHE A 97 15.41 5.72 8.87
N MET A 98 16.52 5.28 8.31
CA MET A 98 17.43 4.32 9.01
C MET A 98 18.18 5.02 10.15
N GLU A 99 18.17 6.36 10.18
CA GLU A 99 18.84 7.13 11.28
C GLU A 99 17.85 7.23 12.44
N LEU A 100 16.55 6.94 12.24
CA LEU A 100 15.58 6.91 13.37
C LEU A 100 15.98 5.73 14.28
N CYS A 101 15.58 5.77 15.56
CA CYS A 101 15.75 4.60 16.45
C CYS A 101 14.82 3.46 15.96
N GLN A 102 15.21 2.24 16.28
CA GLN A 102 14.46 1.04 15.82
C GLN A 102 13.04 1.13 16.34
N ASN A 103 12.87 1.59 17.57
CA ASN A 103 11.50 1.66 18.14
C ASN A 103 10.64 2.50 17.20
N ASP A 104 11.17 3.65 16.72
CA ASP A 104 10.36 4.60 15.93
C ASP A 104 10.15 4.01 14.53
N GLN A 105 11.17 3.39 13.94
CA GLN A 105 11.01 2.69 12.62
C GLN A 105 9.82 1.72 12.69
N ILE A 106 9.75 0.90 13.75
CA ILE A 106 8.72 -0.15 13.88
C ILE A 106 7.39 0.51 14.15
N VAL A 107 7.37 1.56 14.98
CA VAL A 107 6.10 2.26 15.23
C VAL A 107 5.54 2.77 13.88
N LEU A 108 6.38 3.37 13.06
CA LEU A 108 5.87 4.01 11.81
C LEU A 108 5.43 2.93 10.81
N LEU A 109 6.21 1.86 10.64
CA LEU A 109 5.82 0.72 9.75
C LEU A 109 4.59 -0.03 10.27
N LYS A 110 4.48 -0.30 11.58
CA LYS A 110 3.32 -1.00 12.13
C LYS A 110 2.05 -0.19 11.86
N ALA A 111 2.07 1.13 11.98
CA ALA A 111 0.89 1.99 11.73
C ALA A 111 0.62 2.22 10.25
N GLY A 112 1.65 2.29 9.40
CA GLY A 112 1.46 2.81 8.04
C GLY A 112 1.76 1.84 6.91
N ALA A 113 2.47 0.72 7.12
CA ALA A 113 2.88 -0.10 5.96
C ALA A 113 1.68 -0.63 5.16
N MET A 114 0.63 -1.06 5.84
CA MET A 114 -0.55 -1.59 5.12
C MET A 114 -1.34 -0.42 4.54
N GLU A 115 -1.33 0.76 5.17
CA GLU A 115 -2.01 1.95 4.54
C GLU A 115 -1.37 2.24 3.17
N VAL A 116 -0.07 2.09 3.08
CA VAL A 116 0.69 2.28 1.84
C VAL A 116 0.31 1.22 0.80
N VAL A 117 0.22 -0.04 1.19
CA VAL A 117 -0.24 -1.12 0.27
C VAL A 117 -1.58 -0.71 -0.32
N LEU A 118 -2.53 -0.24 0.50
CA LEU A 118 -3.91 0.03 0.03
C LEU A 118 -3.83 1.23 -0.93
N VAL A 119 -2.93 2.16 -0.66
CA VAL A 119 -2.80 3.33 -1.60
C VAL A 119 -2.19 2.84 -2.93
N ARG A 120 -1.16 2.03 -2.85
CA ARG A 120 -0.46 1.45 -4.01
C ARG A 120 -1.44 0.71 -4.90
N MET A 121 -2.47 0.13 -4.34
CA MET A 121 -3.43 -0.67 -5.09
C MET A 121 -4.01 0.15 -6.24
N CYS A 122 -4.19 1.48 -6.06
CA CYS A 122 -4.97 2.26 -7.07
C CYS A 122 -4.26 2.21 -8.42
N ARG A 123 -2.94 2.04 -8.44
CA ARG A 123 -2.16 1.90 -9.71
C ARG A 123 -2.59 0.67 -10.51
N ALA A 124 -2.94 -0.40 -9.83
CA ALA A 124 -3.31 -1.72 -10.41
C ALA A 124 -4.83 -1.88 -10.55
N TYR A 125 -5.60 -0.80 -10.39
CA TYR A 125 -7.08 -0.76 -10.42
C TYR A 125 -7.51 -0.01 -11.68
N ASN A 126 -8.46 -0.58 -12.39
CA ASN A 126 -9.06 0.00 -13.61
C ASN A 126 -10.48 0.45 -13.24
N ALA A 127 -10.72 1.74 -13.12
CA ALA A 127 -12.04 2.31 -12.81
C ALA A 127 -13.03 2.08 -13.95
N ASP A 128 -12.58 1.88 -15.18
CA ASP A 128 -13.54 1.74 -16.31
C ASP A 128 -14.39 0.50 -16.11
N ASN A 129 -13.78 -0.58 -15.62
CA ASN A 129 -14.52 -1.84 -15.42
C ASN A 129 -14.44 -2.34 -13.95
N ARG A 130 -13.91 -1.57 -12.99
CA ARG A 130 -13.83 -1.90 -11.55
C ARG A 130 -13.07 -3.24 -11.40
N THR A 131 -11.91 -3.36 -12.03
CA THR A 131 -11.04 -4.56 -11.91
C THR A 131 -9.71 -4.18 -11.28
N VAL A 132 -9.04 -5.20 -10.79
CA VAL A 132 -7.69 -5.09 -10.21
C VAL A 132 -6.80 -6.13 -10.87
N PHE A 133 -5.53 -5.80 -11.03
CA PHE A 133 -4.53 -6.72 -11.58
C PHE A 133 -4.17 -7.74 -10.51
N PHE A 134 -4.45 -9.01 -10.74
CA PHE A 134 -4.24 -10.12 -9.77
C PHE A 134 -3.73 -11.35 -10.53
N GLU A 135 -2.56 -11.85 -10.16
CA GLU A 135 -2.00 -13.09 -10.74
C GLU A 135 -2.06 -13.02 -12.27
N GLY A 136 -1.69 -11.90 -12.85
CA GLY A 136 -1.33 -11.82 -14.29
C GLY A 136 -2.45 -11.26 -15.16
N LYS A 137 -3.67 -11.09 -14.64
CA LYS A 137 -4.81 -10.51 -15.39
C LYS A 137 -5.66 -9.64 -14.46
N TYR A 138 -6.52 -8.82 -15.07
CA TYR A 138 -7.56 -8.03 -14.38
C TYR A 138 -8.83 -8.83 -14.08
N GLY A 139 -9.29 -8.74 -12.83
CA GLY A 139 -10.55 -9.31 -12.34
C GLY A 139 -11.28 -8.36 -11.39
N GLY A 140 -12.60 -8.50 -11.37
CA GLY A 140 -13.48 -7.79 -10.41
C GLY A 140 -13.47 -8.45 -9.06
N MET A 141 -14.18 -7.86 -8.13
CA MET A 141 -14.16 -8.32 -6.73
C MET A 141 -14.82 -9.69 -6.61
N GLU A 142 -15.65 -10.11 -7.58
CA GLU A 142 -16.26 -11.46 -7.60
C GLU A 142 -15.19 -12.57 -7.68
N LEU A 143 -13.97 -12.27 -8.14
CA LEU A 143 -12.83 -13.22 -8.14
C LEU A 143 -12.61 -13.74 -6.73
N PHE A 144 -12.91 -12.93 -5.71
CA PHE A 144 -12.55 -13.24 -4.31
C PHE A 144 -13.71 -13.86 -3.53
N ARG A 145 -14.76 -14.31 -4.22
N ARG A 145 -14.76 -14.31 -4.22
CA ARG A 145 -16.03 -14.82 -3.60
CA ARG A 145 -16.03 -14.80 -3.60
C ARG A 145 -15.73 -15.85 -2.50
C ARG A 145 -15.74 -15.87 -2.51
N ALA A 146 -14.75 -16.74 -2.73
CA ALA A 146 -14.53 -17.90 -1.86
C ALA A 146 -14.09 -17.42 -0.48
N LEU A 147 -13.48 -16.23 -0.37
CA LEU A 147 -12.97 -15.70 0.91
C LEU A 147 -14.12 -15.30 1.85
N GLY A 148 -15.31 -15.03 1.31
CA GLY A 148 -16.47 -14.67 2.13
C GLY A 148 -16.30 -13.35 2.90
N CYS A 149 -15.67 -12.38 2.27
N CYS A 149 -15.62 -12.38 2.31
CA CYS A 149 -15.35 -11.06 2.87
CA CYS A 149 -15.39 -11.03 2.92
C CYS A 149 -15.92 -9.94 1.99
C CYS A 149 -15.95 -9.93 2.02
N SER A 150 -17.12 -10.10 1.46
CA SER A 150 -17.55 -9.26 0.33
C SER A 150 -17.61 -7.79 0.76
N GLU A 151 -17.97 -7.48 2.01
CA GLU A 151 -18.19 -6.07 2.43
C GLU A 151 -16.81 -5.40 2.56
N LEU A 152 -15.82 -6.07 3.14
CA LEU A 152 -14.44 -5.55 3.28
C LEU A 152 -13.85 -5.37 1.88
N ILE A 153 -13.97 -6.38 1.04
CA ILE A 153 -13.38 -6.36 -0.33
C ILE A 153 -14.05 -5.24 -1.15
N SER A 154 -15.36 -5.13 -1.06
CA SER A 154 -16.06 -4.00 -1.70
C SER A 154 -15.53 -2.63 -1.19
N SER A 155 -15.26 -2.47 0.10
CA SER A 155 -14.70 -1.22 0.67
C SER A 155 -13.29 -0.98 0.15
N ILE A 156 -12.50 -2.02 -0.07
CA ILE A 156 -11.15 -1.89 -0.65
C ILE A 156 -11.28 -1.43 -2.11
N PHE A 157 -12.15 -2.04 -2.89
CA PHE A 157 -12.38 -1.64 -4.28
C PHE A 157 -12.91 -0.18 -4.33
N ASP A 158 -13.81 0.20 -3.42
CA ASP A 158 -14.41 1.56 -3.44
C ASP A 158 -13.33 2.60 -3.14
N PHE A 159 -12.40 2.23 -2.25
CA PHE A 159 -11.29 3.12 -1.87
C PHE A 159 -10.44 3.32 -3.12
N SER A 160 -10.05 2.24 -3.78
CA SER A 160 -9.26 2.33 -5.03
C SER A 160 -10.03 3.15 -6.09
N HIS A 161 -11.36 3.00 -6.17
CA HIS A 161 -12.22 3.72 -7.15
C HIS A 161 -12.10 5.24 -6.87
N SER A 162 -12.22 5.66 -5.61
CA SER A 162 -12.06 7.09 -5.21
C SER A 162 -10.66 7.60 -5.58
N LEU A 163 -9.62 6.83 -5.24
CA LEU A 163 -8.23 7.28 -5.50
C LEU A 163 -7.98 7.40 -7.00
N SER A 164 -8.59 6.53 -7.81
N SER A 164 -8.59 6.53 -7.80
CA SER A 164 -8.31 6.45 -9.26
CA SER A 164 -8.38 6.42 -9.26
C SER A 164 -8.77 7.73 -9.94
C SER A 164 -8.74 7.76 -9.90
N ALA A 165 -9.66 8.51 -9.32
CA ALA A 165 -10.16 9.80 -9.88
C ALA A 165 -9.08 10.88 -9.77
N LEU A 166 -8.02 10.68 -8.97
CA LEU A 166 -6.93 11.69 -8.84
C LEU A 166 -6.00 11.55 -10.02
N HIS A 167 -6.00 10.39 -10.69
CA HIS A 167 -5.00 10.07 -11.74
C HIS A 167 -3.60 10.37 -11.18
N PHE A 168 -3.32 9.91 -9.98
CA PHE A 168 -1.99 10.03 -9.38
C PHE A 168 -0.89 9.70 -10.40
N SER A 169 0.11 10.57 -10.51
CA SER A 169 1.39 10.31 -11.16
C SER A 169 2.22 9.44 -10.20
N GLU A 170 3.24 8.81 -10.74
CA GLU A 170 4.22 7.98 -10.00
C GLU A 170 4.89 8.80 -8.91
N ASP A 171 5.29 10.04 -9.20
CA ASP A 171 5.99 10.91 -8.20
C ASP A 171 5.00 11.32 -7.09
N GLU A 172 3.77 11.61 -7.44
CA GLU A 172 2.72 11.92 -6.44
C GLU A 172 2.51 10.73 -5.49
N ILE A 173 2.39 9.53 -6.01
CA ILE A 173 2.21 8.31 -5.18
C ILE A 173 3.42 8.11 -4.30
N ALA A 174 4.64 8.30 -4.84
CA ALA A 174 5.88 8.19 -4.03
C ALA A 174 5.91 9.17 -2.87
N LEU A 175 5.63 10.45 -3.12
CA LEU A 175 5.76 11.51 -2.08
C LEU A 175 4.63 11.37 -1.07
N TYR A 176 3.43 11.09 -1.56
CA TYR A 176 2.21 10.90 -0.72
C TYR A 176 2.38 9.67 0.18
N THR A 177 2.83 8.55 -0.36
CA THR A 177 3.06 7.34 0.47
C THR A 177 4.22 7.54 1.46
N ALA A 178 5.26 8.30 1.10
CA ALA A 178 6.33 8.64 2.05
C ALA A 178 5.68 9.32 3.27
N LEU A 179 4.73 10.23 3.03
CA LEU A 179 4.06 10.98 4.10
C LEU A 179 3.06 10.10 4.90
N VAL A 180 2.48 9.08 4.27
CA VAL A 180 1.61 8.11 4.98
C VAL A 180 2.49 7.45 6.05
N LEU A 181 3.72 7.11 5.71
CA LEU A 181 4.61 6.44 6.69
C LEU A 181 5.17 7.45 7.70
N ILE A 182 5.71 8.59 7.23
CA ILE A 182 6.53 9.48 8.11
C ILE A 182 5.57 10.49 8.75
N ASN A 183 4.88 10.04 9.80
CA ASN A 183 3.80 10.80 10.48
C ASN A 183 4.17 10.89 11.95
N ALA A 184 4.59 12.07 12.40
CA ALA A 184 5.10 12.26 13.79
C ALA A 184 3.96 12.20 14.80
N HIS A 185 2.69 12.10 14.37
CA HIS A 185 1.52 11.95 15.28
C HIS A 185 1.28 10.49 15.68
N ARG A 186 1.96 9.50 15.10
CA ARG A 186 1.73 8.08 15.52
C ARG A 186 2.02 7.97 17.00
N PRO A 187 1.08 7.44 17.81
CA PRO A 187 1.39 7.14 19.21
C PRO A 187 2.58 6.20 19.38
N GLY A 188 3.42 6.48 20.38
CA GLY A 188 4.47 5.57 20.87
C GLY A 188 5.83 5.96 20.36
N LEU A 189 5.96 7.10 19.66
CA LEU A 189 7.29 7.50 19.17
C LEU A 189 8.17 7.95 20.34
N GLN A 190 9.44 7.58 20.37
CA GLN A 190 10.41 8.00 21.39
C GLN A 190 11.17 9.25 20.98
N GLU A 191 11.44 9.50 19.70
CA GLU A 191 12.17 10.70 19.23
C GLU A 191 11.26 11.47 18.27
N LYS A 192 10.16 11.99 18.81
CA LYS A 192 9.13 12.71 18.02
C LYS A 192 9.77 13.87 17.22
N ARG A 193 10.73 14.62 17.78
CA ARG A 193 11.34 15.76 17.04
C ARG A 193 12.08 15.24 15.79
N LYS A 194 12.76 14.11 15.87
CA LYS A 194 13.47 13.55 14.69
C LYS A 194 12.45 13.19 13.59
N VAL A 195 11.32 12.58 13.92
CA VAL A 195 10.31 12.18 12.90
C VAL A 195 9.70 13.46 12.32
N GLU A 196 9.46 14.47 13.16
CA GLU A 196 8.92 15.78 12.70
C GLU A 196 9.86 16.37 11.65
N GLN A 197 11.16 16.31 11.87
CA GLN A 197 12.09 16.92 10.91
C GLN A 197 11.93 16.25 9.54
N LEU A 198 11.92 14.92 9.53
N LEU A 198 11.92 14.92 9.53
CA LEU A 198 11.74 14.20 8.25
CA LEU A 198 11.74 14.20 8.25
C LEU A 198 10.39 14.58 7.65
C LEU A 198 10.39 14.58 7.65
N GLN A 199 9.34 14.52 8.44
CA GLN A 199 7.99 14.85 7.97
C GLN A 199 7.94 16.23 7.30
N TYR A 200 8.55 17.23 7.94
CA TYR A 200 8.44 18.60 7.42
C TYR A 200 9.18 18.67 6.07
N ASN A 201 10.32 18.02 5.99
CA ASN A 201 11.10 18.02 4.72
C ASN A 201 10.29 17.29 3.63
N LEU A 202 9.65 16.16 3.94
CA LEU A 202 8.85 15.41 2.93
C LEU A 202 7.61 16.23 2.57
N GLU A 203 7.01 16.94 3.52
CA GLU A 203 5.83 17.81 3.18
C GLU A 203 6.30 18.90 2.22
N LEU A 204 7.42 19.54 2.51
CA LEU A 204 7.93 20.63 1.64
C LEU A 204 8.22 20.04 0.24
N ALA A 205 8.85 18.87 0.19
CA ALA A 205 9.15 18.19 -1.09
C ALA A 205 7.87 18.02 -1.89
N PHE A 206 6.83 17.49 -1.24
CA PHE A 206 5.56 17.16 -1.90
C PHE A 206 4.88 18.44 -2.40
N HIS A 207 4.82 19.45 -1.55
CA HIS A 207 4.11 20.73 -1.90
C HIS A 207 4.91 21.44 -3.03
N HIS A 208 6.22 21.41 -2.97
CA HIS A 208 7.09 21.99 -4.02
C HIS A 208 6.81 21.27 -5.35
N HIS A 209 6.83 19.96 -5.33
CA HIS A 209 6.59 19.16 -6.54
C HIS A 209 5.20 19.47 -7.13
N LEU A 210 4.15 19.54 -6.31
CA LEU A 210 2.79 19.82 -6.82
C LEU A 210 2.75 21.20 -7.42
N HIS A 211 3.44 22.15 -6.83
CA HIS A 211 3.45 23.53 -7.34
C HIS A 211 4.15 23.54 -8.72
N LYS A 212 5.29 22.88 -8.80
CA LYS A 212 6.11 22.80 -10.02
C LYS A 212 5.33 22.15 -11.17
N THR A 213 4.44 21.21 -10.88
CA THR A 213 3.70 20.42 -11.88
C THR A 213 2.27 20.93 -12.05
N HIS A 214 1.88 22.01 -11.40
CA HIS A 214 0.50 22.58 -11.49
C HIS A 214 -0.52 21.52 -11.07
N ARG A 215 -0.23 20.77 -10.01
CA ARG A 215 -1.05 19.69 -9.49
C ARG A 215 -1.50 19.94 -8.02
N GLN A 216 -1.49 21.18 -7.55
CA GLN A 216 -1.87 21.49 -6.12
C GLN A 216 -3.35 21.18 -5.87
N SER A 217 -4.17 21.15 -6.91
CA SER A 217 -5.61 20.78 -6.83
C SER A 217 -5.83 19.35 -6.29
N ILE A 218 -4.85 18.45 -6.31
CA ILE A 218 -5.08 17.12 -5.70
C ILE A 218 -5.12 17.27 -4.17
N LEU A 219 -4.50 18.29 -3.58
CA LEU A 219 -4.39 18.42 -2.09
C LEU A 219 -5.79 18.40 -1.46
N ALA A 220 -6.80 19.02 -2.05
CA ALA A 220 -8.17 19.04 -1.50
C ALA A 220 -8.87 17.71 -1.78
N LYS A 221 -8.26 16.79 -2.52
CA LYS A 221 -8.97 15.59 -2.93
C LYS A 221 -8.35 14.38 -2.27
N LEU A 222 -7.30 14.51 -1.50
CA LEU A 222 -6.64 13.31 -0.96
C LEU A 222 -7.65 12.65 -0.02
N PRO A 223 -7.53 11.35 0.28
CA PRO A 223 -8.46 10.71 1.19
C PRO A 223 -8.46 11.40 2.55
N PRO A 224 -9.61 11.55 3.25
CA PRO A 224 -9.57 11.96 4.68
C PRO A 224 -8.78 10.90 5.46
N LYS A 225 -7.84 11.32 6.31
CA LYS A 225 -6.86 10.47 7.07
C LYS A 225 -7.61 9.34 7.79
N GLY A 226 -8.75 9.67 8.38
CA GLY A 226 -9.58 8.71 9.14
C GLY A 226 -10.11 7.58 8.29
N LYS A 227 -10.44 7.85 7.02
CA LYS A 227 -10.95 6.82 6.09
C LYS A 227 -9.88 5.74 5.89
N LEU A 228 -8.67 6.14 5.54
CA LEU A 228 -7.57 5.19 5.29
C LEU A 228 -7.25 4.40 6.57
N ARG A 229 -7.25 5.07 7.71
CA ARG A 229 -6.94 4.41 9.01
C ARG A 229 -8.00 3.37 9.32
N SER A 230 -9.30 3.67 9.17
CA SER A 230 -10.35 2.68 9.56
C SER A 230 -10.37 1.53 8.55
N LEU A 231 -10.21 1.83 7.28
CA LEU A 231 -10.24 0.76 6.27
C LEU A 231 -9.05 -0.17 6.51
N CYS A 232 -7.89 0.41 6.75
CA CYS A 232 -6.70 -0.41 6.98
C CYS A 232 -6.87 -1.20 8.27
N SER A 233 -7.43 -0.58 9.28
CA SER A 233 -7.61 -1.29 10.56
C SER A 233 -8.52 -2.50 10.35
N GLN A 234 -9.59 -2.36 9.58
CA GLN A 234 -10.51 -3.49 9.32
C GLN A 234 -9.81 -4.57 8.50
N HIS A 235 -8.98 -4.17 7.56
CA HIS A 235 -8.28 -5.10 6.65
C HIS A 235 -7.33 -5.91 7.50
N VAL A 236 -6.53 -5.24 8.32
CA VAL A 236 -5.48 -5.98 9.08
C VAL A 236 -6.17 -6.93 10.05
N GLU A 237 -7.29 -6.50 10.66
CA GLU A 237 -8.06 -7.33 11.62
C GLU A 237 -8.58 -8.58 10.89
N ARG A 238 -9.08 -8.47 9.66
CA ARG A 238 -9.52 -9.63 8.86
C ARG A 238 -8.31 -10.55 8.58
N LEU A 239 -7.14 -9.98 8.21
CA LEU A 239 -5.97 -10.82 7.92
C LEU A 239 -5.59 -11.58 9.20
N GLN A 240 -5.72 -10.93 10.35
CA GLN A 240 -5.34 -11.55 11.65
CA GLN A 240 -5.29 -11.60 11.60
C GLN A 240 -6.28 -12.71 11.97
N ILE A 241 -7.58 -12.54 11.67
CA ILE A 241 -8.59 -13.62 11.86
C ILE A 241 -8.22 -14.81 10.98
N PHE A 242 -7.94 -14.57 9.69
CA PHE A 242 -7.57 -15.65 8.76
C PHE A 242 -6.29 -16.33 9.27
N GLN A 243 -5.30 -15.53 9.70
CA GLN A 243 -3.99 -16.07 10.11
C GLN A 243 -4.15 -16.94 11.36
N HIS A 244 -5.02 -16.54 12.29
CA HIS A 244 -5.36 -17.32 13.51
C HIS A 244 -6.00 -18.68 13.14
N LEU A 245 -6.91 -18.70 12.20
CA LEU A 245 -7.63 -19.94 11.77
C LEU A 245 -6.73 -20.82 10.92
N HIS A 246 -5.87 -20.22 10.08
CA HIS A 246 -5.10 -20.94 9.03
C HIS A 246 -3.77 -20.23 8.78
N PRO A 247 -2.79 -20.45 9.66
CA PRO A 247 -1.55 -19.68 9.61
C PRO A 247 -0.81 -19.99 8.31
N ILE A 248 -0.44 -18.96 7.56
CA ILE A 248 0.56 -19.08 6.46
C ILE A 248 1.98 -19.00 7.04
N VAL A 249 2.91 -19.65 6.35
CA VAL A 249 4.36 -19.52 6.61
C VAL A 249 4.84 -18.25 5.92
N VAL A 250 5.43 -17.32 6.66
CA VAL A 250 5.90 -16.04 6.08
C VAL A 250 7.39 -16.12 5.88
N GLN A 251 7.88 -15.64 4.72
CA GLN A 251 9.33 -15.42 4.50
C GLN A 251 9.75 -14.14 5.21
N ALA A 252 10.11 -14.21 6.49
CA ALA A 252 10.21 -13.05 7.38
C ALA A 252 11.53 -12.34 7.06
N ALA A 253 11.46 -11.12 6.60
CA ALA A 253 12.63 -10.33 6.17
C ALA A 253 12.98 -9.27 7.22
N PHE A 254 12.05 -8.89 8.09
CA PHE A 254 12.23 -7.78 9.05
C PHE A 254 11.77 -8.20 10.45
N PRO A 255 12.55 -9.03 11.15
CA PRO A 255 12.12 -9.66 12.41
C PRO A 255 11.45 -8.72 13.42
N PRO A 256 11.99 -7.51 13.70
CA PRO A 256 11.36 -6.60 14.67
C PRO A 256 9.92 -6.24 14.25
N LEU A 257 9.64 -6.13 12.97
CA LEU A 257 8.27 -5.76 12.51
C LEU A 257 7.39 -7.02 12.47
N TYR A 258 7.90 -8.10 11.90
CA TYR A 258 7.23 -9.43 11.92
C TYR A 258 6.76 -9.76 13.34
N LYS A 259 7.60 -9.60 14.36
CA LYS A 259 7.30 -9.91 15.78
C LYS A 259 6.08 -9.13 16.28
N GLU A 260 5.83 -7.93 15.77
CA GLU A 260 4.67 -7.07 16.15
C GLU A 260 3.38 -7.55 15.48
N LEU A 261 3.41 -8.23 14.32
CA LEU A 261 2.16 -8.59 13.58
C LEU A 261 1.80 -10.05 13.76
N PHE A 262 2.76 -10.89 14.13
CA PHE A 262 2.57 -12.35 14.11
C PHE A 262 2.85 -12.90 15.50
N SER A 263 2.15 -13.94 15.91
CA SER A 263 2.25 -14.49 17.29
C SER A 263 1.81 -15.95 17.31
C1 CLR B . -1.71 -3.73 -4.08
C2 CLR B . -0.53 -3.02 -4.72
C3 CLR B . 0.72 -3.84 -4.66
C4 CLR B . 0.53 -5.23 -5.22
C5 CLR B . -0.67 -5.94 -4.64
C6 CLR B . -0.58 -7.21 -4.26
C7 CLR B . -1.68 -8.01 -3.63
C8 CLR B . -3.04 -7.42 -3.91
C9 CLR B . -3.00 -5.88 -3.70
C10 CLR B . -1.97 -5.16 -4.62
C11 CLR B . -4.41 -5.27 -3.80
C12 CLR B . -5.42 -5.96 -2.88
C13 CLR B . -5.51 -7.45 -3.24
C14 CLR B . -4.11 -8.04 -3.03
C15 CLR B . -4.36 -9.54 -3.08
C16 CLR B . -5.69 -9.72 -2.37
C17 CLR B . -6.34 -8.33 -2.23
C18 CLR B . -6.03 -7.63 -4.69
C19 CLR B . -2.50 -5.03 -6.06
C20 CLR B . -7.86 -8.35 -2.36
C21 CLR B . -8.51 -7.00 -2.08
C22 CLR B . -8.44 -9.38 -1.36
C23 CLR B . -8.13 -9.15 0.11
C24 CLR B . -8.66 -10.34 0.95
C25 CLR B . -8.36 -10.33 2.44
C26 CLR B . -9.24 -9.33 3.15
C27 CLR B . -8.49 -11.72 3.07
O1 CLR B . 1.73 -3.25 -5.46
C1 MJE C . 1.10 -2.91 9.11
C10 MJE C . 7.04 -9.01 7.45
C11 MJE C . 8.49 -9.45 7.29
C12 MJE C . 6.06 -9.54 6.63
C13 MJE C . 4.74 -9.18 6.78
C14 MJE C . -0.46 -8.35 7.73
C15 MJE C . -0.62 -9.77 7.37
C16 MJE C . -1.00 -10.70 8.33
C17 MJE C . -1.17 -12.04 8.03
C18 MJE C . -0.93 -12.47 6.75
C19 MJE C . -0.52 -11.58 5.79
C2 MJE C . 1.40 -4.35 8.77
C20 MJE C . -0.37 -10.25 6.11
C3 MJE C . 0.52 -5.34 8.54
C4 MJE C . 1.16 -6.55 8.18
C5 MJE C . 2.52 -6.48 8.22
C6 MJE C . 3.00 -7.76 7.86
C7 MJE C . 4.38 -8.23 7.72
C8 MJE C . 5.38 -7.69 8.53
C9 MJE C . 6.69 -8.12 8.42
N1 MJE C . 1.98 -8.59 7.66
N2 MJE C . 0.83 -7.83 7.82
O1 MJE C . 9.20 -9.33 8.25
O2 MJE C . 8.86 -9.96 6.18
O3 MJE C . -1.40 -7.60 7.91
S1 MJE C . 3.05 -4.88 8.67
CL1 MJE C . -1.30 -10.12 9.91
CL2 MJE C . 0.18 -9.13 4.89
C1 GOL D . -1.25 -8.49 -7.31
O1 GOL D . -1.83 -7.98 -8.51
C2 GOL D . -0.16 -9.43 -7.73
O2 GOL D . 0.97 -9.39 -6.86
C3 GOL D . -0.69 -10.83 -7.80
O3 GOL D . 0.10 -11.55 -8.75
C1 GOL E . 19.15 1.53 17.19
O1 GOL E . 18.90 1.66 15.79
C2 GOL E . 18.22 2.40 18.00
O2 GOL E . 17.50 1.62 18.95
C3 GOL E . 18.95 3.52 18.71
O3 GOL E . 18.10 4.12 19.68
C1 GOL F . -5.08 7.10 -16.15
O1 GOL F . -4.39 6.03 -16.77
C2 GOL F . -6.42 6.66 -15.61
O2 GOL F . -7.35 6.29 -16.61
C3 GOL F . -6.29 5.49 -14.69
O3 GOL F . -7.56 5.29 -14.08
#